data_6YMP
#
_entry.id   6YMP
#
_cell.length_a   70.520
_cell.length_b   71.369
_cell.length_c   72.515
_cell.angle_alpha   90.000
_cell.angle_beta   100.360
_cell.angle_gamma   90.000
#
_symmetry.space_group_name_H-M   'C 1 2 1'
#
loop_
_entity.id
_entity.type
_entity.pdbx_description
1 polymer Prothrombin
2 polymer Prothrombin
3 polymer 'Hirudin variant-2'
4 non-polymer 'SODIUM ION'
5 non-polymer 'PHOSPHATE ION'
6 non-polymer 2-acetamido-2-deoxy-beta-D-glucopyranose
7 non-polymer 'DIMETHYL SULFOXIDE'
8 non-polymer 3-[(5-tert-butyl-1,2-oxazol-3-yl)methyl]oxetan-3-amine
9 water water
#
loop_
_entity_poly.entity_id
_entity_poly.type
_entity_poly.pdbx_seq_one_letter_code
_entity_poly.pdbx_strand_id
1 'polypeptide(L)' TFGSGEADCGLRPLFEKKSLEDKTERELLESYIDGR L
2 'polypeptide(L)'
;IVEGSDAEIGMSPWQVMLFRKSPQELLCGASLISDRWVLTAAHCLLYPPWDKNFTENDLLVRIGKHSRTRYERNIEKISM
LEKIYIHPRYNWRENLDRDIALMKLKKPVAFSDYIHPVCLPDRETAASLLQAGYKGRVTGWGNLKETWTANVGKGQPSVL
QVVNLPIVERPVCKDSTRIRITDNMFCAGYKPDEGKRGDACEGDSGGPFVMKSPFNNRWYQMGIVSWGEGCDRDGKYGFY
THVFRLKKWIQKVIDQFGE
;
H
3 'polypeptide(L)' GDFEEIPEE(TYS)LQ I
#
loop_
_chem_comp.id
_chem_comp.type
_chem_comp.name
_chem_comp.formula
D6Y non-polymer 3-[(5-tert-butyl-1,2-oxazol-3-yl)methyl]oxetan-3-amine 'C11 H18 N2 O2'
DMS non-polymer 'DIMETHYL SULFOXIDE' 'C2 H6 O S'
NA non-polymer 'SODIUM ION' 'Na 1'
NAG D-saccharide, beta linking 2-acetamido-2-deoxy-beta-D-glucopyranose 'C8 H15 N O6'
PO4 non-polymer 'PHOSPHATE ION' 'O4 P -3'
#
# COMPACT_ATOMS: atom_id res chain seq x y z
N GLU A 6 -3.55 8.73 -14.29
CA GLU A 6 -3.24 10.12 -14.59
C GLU A 6 -1.99 10.22 -15.44
N ALA A 7 -1.94 11.27 -16.26
CA ALA A 7 -0.84 11.44 -17.19
C ALA A 7 0.51 11.48 -16.49
N ASP A 8 0.55 12.10 -15.30
N ASP A 8 0.58 12.14 -15.33
CA ASP A 8 1.77 12.27 -14.54
CA ASP A 8 1.86 12.22 -14.62
C ASP A 8 1.90 11.29 -13.40
C ASP A 8 1.88 11.32 -13.40
N CYS A 9 1.14 10.21 -13.44
CA CYS A 9 1.19 9.27 -12.33
C CYS A 9 2.61 8.78 -12.13
N GLY A 10 2.94 8.49 -10.87
CA GLY A 10 4.19 7.84 -10.57
C GLY A 10 5.44 8.67 -10.69
N LEU A 11 5.32 9.97 -10.92
CA LEU A 11 6.43 10.90 -10.99
C LEU A 11 6.32 11.82 -9.78
N ARG A 12 7.21 11.66 -8.81
CA ARG A 12 7.05 12.36 -7.54
C ARG A 12 7.52 13.82 -7.65
N PRO A 13 6.73 14.77 -7.17
CA PRO A 13 7.14 16.18 -7.23
C PRO A 13 8.51 16.45 -6.66
N LEU A 14 8.87 15.81 -5.55
CA LEU A 14 10.14 16.14 -4.89
C LEU A 14 11.28 15.25 -5.34
N PHE A 15 11.06 14.34 -6.29
CA PHE A 15 12.09 13.43 -6.78
C PHE A 15 12.13 13.46 -8.29
N GLU A 16 11.37 12.60 -8.96
CA GLU A 16 11.49 12.53 -10.42
C GLU A 16 11.25 13.89 -11.08
N LYS A 17 10.26 14.65 -10.59
N LYS A 17 10.28 14.67 -10.59
CA LYS A 17 9.94 15.92 -11.24
CA LYS A 17 9.96 15.92 -11.28
C LYS A 17 11.13 16.86 -11.25
C LYS A 17 11.08 16.94 -11.18
N LYS A 18 11.99 16.77 -10.23
CA LYS A 18 13.15 17.63 -10.08
C LYS A 18 14.47 16.92 -10.39
N SER A 19 14.41 15.70 -10.91
CA SER A 19 15.61 14.90 -11.15
C SER A 19 16.46 14.74 -9.89
N LEU A 20 15.81 14.47 -8.76
CA LEU A 20 16.47 14.08 -7.53
C LEU A 20 16.12 12.64 -7.22
N GLU A 21 17.11 11.87 -6.78
CA GLU A 21 16.92 10.48 -6.42
C GLU A 21 16.78 10.34 -4.91
N ASP A 22 15.94 9.40 -4.48
CA ASP A 22 15.85 9.09 -3.06
C ASP A 22 17.01 8.18 -2.66
N LYS A 23 17.15 7.98 -1.35
CA LYS A 23 18.38 7.35 -0.86
C LYS A 23 18.48 5.86 -1.17
N THR A 24 17.36 5.18 -1.50
CA THR A 24 17.45 3.75 -1.75
C THR A 24 16.84 3.26 -3.06
N GLU A 25 16.37 4.15 -3.93
CA GLU A 25 15.78 3.67 -5.17
C GLU A 25 16.81 2.93 -6.04
N ARG A 26 18.09 3.26 -5.92
CA ARG A 26 19.11 2.55 -6.67
C ARG A 26 19.12 1.05 -6.34
N GLU A 27 18.85 0.69 -5.08
CA GLU A 27 18.76 -0.73 -4.71
C GLU A 27 17.74 -1.46 -5.57
N LEU A 28 16.60 -0.81 -5.83
CA LEU A 28 15.61 -1.41 -6.72
C LEU A 28 16.16 -1.58 -8.12
N LEU A 29 16.73 -0.51 -8.68
CA LEU A 29 17.25 -0.59 -10.04
C LEU A 29 18.27 -1.71 -10.17
N GLU A 30 19.15 -1.85 -9.19
CA GLU A 30 20.21 -2.85 -9.27
C GLU A 30 19.67 -4.27 -9.25
N SER A 31 18.47 -4.47 -8.70
CA SER A 31 17.84 -5.78 -8.70
C SER A 31 17.15 -6.12 -10.02
N TYR A 32 16.97 -5.14 -10.92
CA TYR A 32 16.22 -5.37 -12.16
C TYR A 32 17.24 -5.82 -13.21
N ILE A 33 17.66 -7.08 -13.08
CA ILE A 33 18.74 -7.63 -13.88
C ILE A 33 18.08 -8.26 -15.10
N ILE B 1 6.12 -1.49 9.77
CA ILE B 1 7.24 -2.00 8.98
C ILE B 1 8.35 -2.41 9.95
N VAL B 2 8.84 -3.65 9.80
CA VAL B 2 9.95 -4.19 10.59
C VAL B 2 11.24 -4.02 9.80
N GLU B 3 12.27 -3.51 10.47
CA GLU B 3 13.61 -3.42 9.91
C GLU B 3 13.66 -2.52 8.67
N GLY B 4 12.82 -1.49 8.65
CA GLY B 4 12.88 -0.45 7.64
C GLY B 4 13.56 0.79 8.17
N SER B 5 13.30 1.91 7.50
CA SER B 5 13.86 3.19 7.90
C SER B 5 12.83 4.28 7.71
N ASP B 6 13.13 5.46 8.23
CA ASP B 6 12.23 6.59 8.06
C ASP B 6 12.18 6.98 6.59
N ALA B 7 10.98 7.20 6.08
CA ALA B 7 10.85 7.73 4.74
C ALA B 7 11.41 9.15 4.65
N GLU B 8 11.85 9.52 3.46
CA GLU B 8 12.15 10.91 3.15
C GLU B 8 10.86 11.67 2.89
N ILE B 9 10.92 12.99 3.08
CA ILE B 9 9.76 13.83 2.80
C ILE B 9 9.38 13.68 1.32
N GLY B 10 8.10 13.41 1.06
CA GLY B 10 7.62 13.27 -0.30
C GLY B 10 8.06 12.02 -1.01
N MET B 11 8.59 11.03 -0.29
CA MET B 11 9.12 9.83 -0.92
C MET B 11 8.00 8.94 -1.44
N SER B 12 6.82 9.00 -0.82
CA SER B 12 5.71 8.10 -1.14
C SER B 12 4.44 8.96 -1.13
N PRO B 13 4.31 9.88 -2.09
CA PRO B 13 3.22 10.88 -2.01
C PRO B 13 1.85 10.30 -2.32
N TRP B 14 1.80 9.04 -2.75
CA TRP B 14 0.56 8.29 -2.92
C TRP B 14 0.14 7.56 -1.64
N GLN B 15 0.95 7.60 -0.58
N GLN B 15 0.95 7.63 -0.59
CA GLN B 15 0.59 6.84 0.62
CA GLN B 15 0.59 6.97 0.65
C GLN B 15 -0.60 7.49 1.31
C GLN B 15 -0.71 7.54 1.21
N VAL B 16 -1.58 6.66 1.69
CA VAL B 16 -2.80 7.09 2.35
C VAL B 16 -2.91 6.36 3.68
N MET B 17 -3.40 7.05 4.69
CA MET B 17 -3.74 6.47 5.97
C MET B 17 -5.26 6.34 6.07
N LEU B 18 -5.72 5.12 6.29
N LEU B 18 -5.74 5.12 6.33
CA LEU B 18 -7.11 4.89 6.63
CA LEU B 18 -7.15 4.85 6.61
C LEU B 18 -7.24 5.12 8.13
C LEU B 18 -7.33 5.03 8.12
N PHE B 19 -8.18 5.97 8.51
CA PHE B 19 -8.27 6.45 9.88
C PHE B 19 -9.69 6.27 10.40
N ARG B 20 -9.81 5.59 11.54
N ARG B 20 -9.81 5.61 11.54
CA ARG B 20 -11.13 5.42 12.15
CA ARG B 20 -11.11 5.42 12.17
C ARG B 20 -11.51 6.70 12.87
C ARG B 20 -11.50 6.71 12.87
N LYS B 21 -12.77 7.09 12.71
CA LYS B 21 -13.25 8.34 13.31
C LYS B 21 -13.38 8.22 14.82
N SER B 22 -13.91 7.12 15.31
CA SER B 22 -14.20 7.01 16.74
C SER B 22 -14.13 5.55 17.17
N PRO B 23 -13.17 5.17 18.01
CA PRO B 23 -12.03 5.95 18.50
C PRO B 23 -11.09 6.34 17.36
N GLN B 24 -10.41 7.47 17.51
CA GLN B 24 -9.49 7.95 16.47
C GLN B 24 -8.25 7.06 16.47
N GLU B 25 -8.05 6.31 15.39
CA GLU B 25 -6.90 5.41 15.35
C GLU B 25 -6.58 5.02 13.92
N LEU B 26 -5.33 4.60 13.72
CA LEU B 26 -4.91 4.06 12.43
C LEU B 26 -5.60 2.72 12.19
N LEU B 27 -6.20 2.58 11.02
CA LEU B 27 -6.78 1.30 10.66
C LEU B 27 -5.93 0.51 9.67
N CYS B 28 -5.32 1.19 8.71
CA CYS B 28 -4.70 0.51 7.59
C CYS B 28 -3.98 1.55 6.76
N GLY B 29 -3.13 1.06 5.86
CA GLY B 29 -2.64 1.86 4.76
C GLY B 29 -3.54 1.73 3.55
N ALA B 30 -3.20 2.51 2.53
CA ALA B 30 -3.94 2.63 1.28
C ALA B 30 -3.07 3.46 0.34
N SER B 31 -3.54 3.63 -0.90
CA SER B 31 -2.80 4.39 -1.89
C SER B 31 -3.72 5.22 -2.77
N LEU B 32 -3.18 6.35 -3.22
CA LEU B 32 -3.89 7.29 -4.08
C LEU B 32 -3.61 6.94 -5.54
N ILE B 33 -4.67 6.63 -6.29
CA ILE B 33 -4.53 6.27 -7.71
C ILE B 33 -5.11 7.31 -8.66
N SER B 34 -5.85 8.29 -8.16
CA SER B 34 -6.31 9.43 -8.95
C SER B 34 -6.78 10.46 -7.94
N ASP B 35 -7.31 11.59 -8.43
CA ASP B 35 -7.74 12.61 -7.46
C ASP B 35 -8.98 12.21 -6.67
N ARG B 36 -9.66 11.11 -7.03
CA ARG B 36 -10.89 10.73 -6.34
C ARG B 36 -10.93 9.28 -5.89
N TRP B 37 -9.89 8.49 -6.14
CA TRP B 37 -9.92 7.06 -5.88
C TRP B 37 -8.72 6.61 -5.06
N VAL B 38 -8.99 5.79 -4.05
CA VAL B 38 -8.00 5.25 -3.14
C VAL B 38 -8.13 3.73 -3.17
N LEU B 39 -6.99 3.05 -3.28
CA LEU B 39 -6.90 1.60 -3.30
C LEU B 39 -6.42 1.08 -1.95
N THR B 40 -7.03 -0.02 -1.50
CA THR B 40 -6.62 -0.65 -0.25
C THR B 40 -6.92 -2.15 -0.33
N ALA B 41 -6.65 -2.84 0.79
CA ALA B 41 -7.00 -4.25 0.92
C ALA B 41 -8.44 -4.38 1.40
N ALA B 42 -9.16 -5.37 0.84
CA ALA B 42 -10.54 -5.60 1.29
C ALA B 42 -10.60 -5.92 2.77
N HIS B 43 -9.62 -6.66 3.30
CA HIS B 43 -9.68 -7.05 4.70
C HIS B 43 -9.55 -5.86 5.65
N CYS B 44 -9.10 -4.71 5.16
CA CYS B 44 -9.07 -3.49 5.96
C CYS B 44 -10.48 -2.98 6.24
N LEU B 45 -11.44 -3.36 5.41
CA LEU B 45 -12.80 -2.87 5.49
C LEU B 45 -13.79 -3.95 5.89
N LEU B 46 -13.51 -5.21 5.52
CA LEU B 46 -14.45 -6.31 5.71
C LEU B 46 -13.67 -7.55 6.12
N TYR B 47 -13.88 -8.01 7.35
CA TYR B 47 -13.29 -9.26 7.82
C TYR B 47 -14.21 -9.81 8.90
N PRO B 48 -15.24 -10.56 8.51
CA PRO B 48 -16.26 -11.01 9.47
C PRO B 48 -15.71 -11.85 10.61
N PRO B 49 -14.64 -12.63 10.42
CA PRO B 49 -14.13 -13.42 11.57
C PRO B 49 -13.78 -12.54 12.76
N TRP B 50 -13.42 -11.27 12.53
CA TRP B 50 -13.09 -10.31 13.57
C TRP B 50 -14.19 -9.28 13.77
N ASP B 51 -15.39 -9.56 13.28
CA ASP B 51 -16.51 -8.65 13.39
C ASP B 51 -16.21 -7.28 12.79
N LYS B 52 -15.43 -7.27 11.72
CA LYS B 52 -15.08 -6.03 11.03
C LYS B 52 -15.93 -5.87 9.77
N ASN B 53 -16.69 -4.77 9.71
CA ASN B 53 -17.46 -4.44 8.52
C ASN B 53 -17.74 -2.95 8.51
N PHE B 54 -16.76 -2.16 8.06
CA PHE B 54 -16.87 -0.71 8.15
C PHE B 54 -17.77 -0.17 7.07
N THR B 55 -18.52 0.87 7.41
CA THR B 55 -19.29 1.64 6.43
C THR B 55 -18.53 2.93 6.13
N GLU B 56 -18.94 3.60 5.05
CA GLU B 56 -18.26 4.83 4.65
C GLU B 56 -18.14 5.82 5.80
N ASN B 57 -19.21 6.01 6.57
CA ASN B 57 -19.20 7.09 7.56
C ASN B 57 -18.36 6.75 8.78
N ASP B 58 -17.82 5.53 8.86
CA ASP B 58 -16.96 5.17 9.97
C ASP B 58 -15.53 5.68 9.80
N LEU B 59 -15.14 6.10 8.60
CA LEU B 59 -13.75 6.20 8.23
C LEU B 59 -13.42 7.55 7.61
N LEU B 60 -12.15 7.92 7.70
CA LEU B 60 -11.58 9.02 6.93
C LEU B 60 -10.32 8.51 6.25
N VAL B 61 -9.90 9.20 5.19
CA VAL B 61 -8.58 8.97 4.62
C VAL B 61 -7.75 10.24 4.81
N ARG B 62 -6.49 10.05 5.19
CA ARG B 62 -5.56 11.14 5.42
C ARG B 62 -4.43 10.98 4.42
N ILE B 63 -4.21 12.01 3.59
CA ILE B 63 -3.32 11.95 2.44
C ILE B 63 -2.25 13.02 2.62
N GLY B 64 -1.04 12.72 2.18
CA GLY B 64 0.07 13.64 2.31
C GLY B 64 0.81 13.58 3.62
N LYS B 65 0.63 12.51 4.39
CA LYS B 65 1.18 12.44 5.73
C LYS B 65 2.60 11.93 5.75
N HIS B 66 3.31 12.31 6.82
CA HIS B 66 4.62 11.78 7.15
C HIS B 66 4.59 11.30 8.60
N SER B 67 4.35 12.20 9.54
CA SER B 67 4.18 11.81 10.93
C SER B 67 2.99 10.88 11.08
N ARG B 68 3.14 9.84 11.92
CA ARG B 68 2.03 8.93 12.19
C ARG B 68 0.92 9.61 12.96
N THR B 69 1.25 10.29 14.07
CA THR B 69 0.22 10.69 15.00
C THR B 69 -0.15 12.17 14.94
N ARG B 70 0.71 13.01 14.35
N ARG B 70 0.68 13.01 14.35
CA ARG B 70 0.49 14.45 14.32
CA ARG B 70 0.42 14.44 14.41
C ARG B 70 -0.59 14.81 13.30
C ARG B 70 -0.50 14.88 13.28
N TYR B 71 -1.31 15.89 13.57
CA TYR B 71 -2.14 16.54 12.55
C TYR B 71 -1.21 17.51 11.80
N GLU B 72 -0.90 17.19 10.55
CA GLU B 72 0.15 17.88 9.80
C GLU B 72 -0.48 19.03 9.04
N ARG B 73 -0.74 20.09 9.81
CA ARG B 73 -1.40 21.27 9.31
C ARG B 73 -0.68 21.85 8.11
N ASN B 74 -1.48 22.24 7.11
CA ASN B 74 -1.05 22.84 5.85
C ASN B 74 -0.36 21.85 4.91
N ILE B 75 -0.32 20.57 5.27
CA ILE B 75 0.38 19.56 4.49
C ILE B 75 -0.57 18.40 4.17
N GLU B 76 -1.06 17.71 5.19
CA GLU B 76 -1.98 16.62 4.93
C GLU B 76 -3.36 17.16 4.58
N LYS B 77 -4.12 16.32 3.90
CA LYS B 77 -5.51 16.59 3.55
C LYS B 77 -6.35 15.40 3.97
N ILE B 78 -7.50 15.69 4.54
CA ILE B 78 -8.40 14.68 5.10
C ILE B 78 -9.66 14.65 4.25
N SER B 79 -10.02 13.46 3.77
CA SER B 79 -11.15 13.29 2.87
C SER B 79 -12.16 12.33 3.47
N MET B 80 -13.44 12.61 3.22
CA MET B 80 -14.52 11.70 3.55
C MET B 80 -14.76 10.75 2.39
N LEU B 81 -15.35 9.59 2.71
N LEU B 81 -15.35 9.60 2.70
CA LEU B 81 -15.63 8.57 1.72
CA LEU B 81 -15.61 8.57 1.70
C LEU B 81 -17.04 8.71 1.17
C LEU B 81 -17.04 8.70 1.17
N GLU B 82 -17.15 8.66 -0.16
CA GLU B 82 -18.46 8.57 -0.80
C GLU B 82 -18.95 7.13 -0.86
N LYS B 83 -18.08 6.20 -1.25
CA LYS B 83 -18.51 4.81 -1.41
C LYS B 83 -17.32 3.87 -1.36
N ILE B 84 -17.55 2.70 -0.75
CA ILE B 84 -16.60 1.59 -0.71
C ILE B 84 -17.06 0.54 -1.71
N TYR B 85 -16.09 -0.03 -2.45
CA TYR B 85 -16.33 -1.14 -3.36
C TYR B 85 -15.35 -2.26 -3.03
N ILE B 86 -15.87 -3.43 -2.66
N ILE B 86 -15.88 -3.41 -2.61
CA ILE B 86 -15.05 -4.58 -2.32
CA ILE B 86 -15.11 -4.60 -2.29
C ILE B 86 -15.18 -5.61 -3.42
C ILE B 86 -15.16 -5.52 -3.51
N HIS B 87 -14.07 -6.21 -3.80
CA HIS B 87 -14.10 -7.19 -4.87
C HIS B 87 -15.21 -8.22 -4.59
N PRO B 88 -16.09 -8.51 -5.54
CA PRO B 88 -17.20 -9.44 -5.27
C PRO B 88 -16.77 -10.86 -4.97
N ARG B 89 -15.54 -11.24 -5.34
CA ARG B 89 -15.04 -12.59 -5.04
C ARG B 89 -13.90 -12.56 -4.03
N TYR B 90 -13.78 -11.49 -3.25
CA TYR B 90 -12.90 -11.48 -2.10
C TYR B 90 -13.23 -12.63 -1.16
N ASN B 91 -12.23 -13.44 -0.88
CA ASN B 91 -12.41 -14.67 -0.09
C ASN B 91 -11.91 -14.45 1.32
N TRP B 92 -12.78 -13.87 2.16
CA TRP B 92 -12.44 -13.69 3.56
C TRP B 92 -12.59 -14.97 4.37
N ARG B 93 -13.27 -15.99 3.81
N ARG B 93 -13.26 -15.99 3.80
CA ARG B 93 -13.50 -17.22 4.56
CA ARG B 93 -13.52 -17.22 4.53
C ARG B 93 -12.22 -18.03 4.70
C ARG B 93 -12.30 -18.12 4.63
N GLU B 94 -11.38 -18.04 3.66
CA GLU B 94 -10.27 -18.98 3.59
C GLU B 94 -8.91 -18.32 3.61
N ASN B 95 -8.53 -17.59 2.55
CA ASN B 95 -7.13 -17.23 2.35
C ASN B 95 -6.94 -15.80 1.88
N LEU B 96 -7.95 -14.95 1.97
CA LEU B 96 -7.88 -13.57 1.49
C LEU B 96 -7.60 -13.49 0.00
N ASP B 97 -8.02 -14.48 -0.78
CA ASP B 97 -7.93 -14.36 -2.23
C ASP B 97 -8.69 -13.12 -2.71
N ARG B 98 -8.08 -12.38 -3.64
CA ARG B 98 -8.66 -11.16 -4.22
C ARG B 98 -8.89 -10.08 -3.15
N ASP B 99 -7.84 -9.82 -2.38
CA ASP B 99 -7.89 -8.91 -1.22
C ASP B 99 -7.68 -7.48 -1.74
N ILE B 100 -8.77 -6.90 -2.25
CA ILE B 100 -8.69 -5.59 -2.91
C ILE B 100 -10.01 -4.86 -2.74
N ALA B 101 -9.92 -3.55 -2.54
CA ALA B 101 -11.06 -2.68 -2.39
C ALA B 101 -10.70 -1.30 -2.89
N LEU B 102 -11.71 -0.59 -3.38
CA LEU B 102 -11.59 0.80 -3.79
C LEU B 102 -12.48 1.66 -2.91
N MET B 103 -12.03 2.89 -2.68
CA MET B 103 -12.79 3.91 -1.97
C MET B 103 -12.85 5.15 -2.85
N LYS B 104 -14.06 5.60 -3.16
CA LYS B 104 -14.27 6.85 -3.89
C LYS B 104 -14.44 7.98 -2.89
N LEU B 105 -13.69 9.07 -3.09
CA LEU B 105 -13.74 10.20 -2.18
C LEU B 105 -14.92 11.10 -2.50
N LYS B 106 -15.41 11.78 -1.46
CA LYS B 106 -16.55 12.68 -1.66
C LYS B 106 -16.21 13.85 -2.55
N LYS B 107 -14.98 14.35 -2.47
CA LYS B 107 -14.50 15.49 -3.25
C LYS B 107 -13.10 15.17 -3.72
N PRO B 108 -12.68 15.66 -4.89
CA PRO B 108 -11.29 15.44 -5.31
C PRO B 108 -10.30 16.08 -4.36
N VAL B 109 -9.15 15.41 -4.18
CA VAL B 109 -8.06 15.95 -3.38
C VAL B 109 -7.13 16.74 -4.29
N ALA B 110 -6.61 17.85 -3.76
CA ALA B 110 -5.67 18.67 -4.50
C ALA B 110 -4.28 18.06 -4.42
N PHE B 111 -3.66 17.85 -5.58
CA PHE B 111 -2.29 17.36 -5.60
C PHE B 111 -1.33 18.46 -5.13
N SER B 112 -0.18 18.04 -4.63
CA SER B 112 0.81 18.95 -4.07
C SER B 112 2.17 18.25 -4.10
N ASP B 113 3.18 18.88 -3.50
CA ASP B 113 4.48 18.22 -3.39
C ASP B 113 4.40 16.93 -2.58
N TYR B 114 3.36 16.79 -1.74
CA TYR B 114 3.21 15.69 -0.78
C TYR B 114 2.11 14.72 -1.16
N ILE B 115 1.34 15.04 -2.19
CA ILE B 115 0.13 14.31 -2.56
C ILE B 115 0.16 14.13 -4.07
N HIS B 116 0.30 12.89 -4.53
CA HIS B 116 0.45 12.61 -5.95
C HIS B 116 0.14 11.15 -6.19
N PRO B 117 -0.56 10.80 -7.27
CA PRO B 117 -0.97 9.40 -7.48
C PRO B 117 0.13 8.51 -8.03
N VAL B 118 0.02 7.23 -7.68
CA VAL B 118 0.88 6.18 -8.22
C VAL B 118 0.23 5.62 -9.49
N CYS B 119 1.05 5.05 -10.36
CA CYS B 119 0.51 4.37 -11.53
C CYS B 119 0.08 2.94 -11.21
N LEU B 120 -0.91 2.46 -11.96
CA LEU B 120 -1.21 1.03 -11.92
C LEU B 120 -0.56 0.35 -13.12
N PRO B 121 -0.06 -0.86 -12.96
CA PRO B 121 0.69 -1.52 -14.03
C PRO B 121 -0.18 -1.96 -15.19
N ASP B 122 0.41 -1.87 -16.39
CA ASP B 122 -0.07 -2.53 -17.58
C ASP B 122 0.48 -3.96 -17.60
N ARG B 123 -0.05 -4.78 -18.51
CA ARG B 123 0.38 -6.17 -18.61
C ARG B 123 1.88 -6.29 -18.83
N GLU B 124 2.45 -5.42 -19.67
CA GLU B 124 3.86 -5.53 -20.02
C GLU B 124 4.77 -5.13 -18.86
N THR B 125 4.43 -4.06 -18.15
N THR B 125 4.42 -4.07 -18.14
CA THR B 125 5.21 -3.69 -16.98
CA THR B 125 5.21 -3.70 -16.97
C THR B 125 5.14 -4.78 -15.92
C THR B 125 5.14 -4.77 -15.90
N ALA B 126 3.96 -5.37 -15.71
CA ALA B 126 3.85 -6.46 -14.76
C ALA B 126 4.69 -7.66 -15.18
N ALA B 127 4.63 -8.04 -16.46
CA ALA B 127 5.39 -9.19 -16.91
C ALA B 127 6.89 -8.94 -16.74
N SER B 128 7.32 -7.70 -17.03
N SER B 128 7.33 -7.72 -17.05
CA SER B 128 8.74 -7.37 -16.99
CA SER B 128 8.77 -7.45 -16.96
C SER B 128 9.29 -7.30 -15.57
C SER B 128 9.25 -7.42 -15.52
N LEU B 129 8.49 -6.79 -14.62
CA LEU B 129 9.00 -6.51 -13.28
C LEU B 129 8.65 -7.53 -12.21
N LEU B 130 7.58 -8.32 -12.40
N LEU B 130 7.59 -8.32 -12.36
CA LEU B 130 7.18 -9.30 -11.40
CA LEU B 130 7.20 -9.21 -11.26
C LEU B 130 7.99 -10.56 -11.61
C LEU B 130 7.92 -10.56 -11.40
N GLN B 131 9.23 -10.51 -11.15
CA GLN B 131 10.15 -11.62 -11.30
C GLN B 131 10.87 -11.83 -9.98
N ALA B 132 11.13 -13.10 -9.65
CA ALA B 132 11.83 -13.40 -8.41
C ALA B 132 13.18 -12.70 -8.39
N GLY B 133 13.49 -12.11 -7.23
CA GLY B 133 14.70 -11.36 -7.05
C GLY B 133 14.57 -9.87 -7.28
N TYR B 134 13.61 -9.46 -8.12
CA TYR B 134 13.39 -8.04 -8.33
C TYR B 134 12.76 -7.43 -7.07
N LYS B 135 13.24 -6.25 -6.69
CA LYS B 135 12.80 -5.65 -5.43
C LYS B 135 11.72 -4.61 -5.64
N GLY B 136 10.75 -4.58 -4.72
CA GLY B 136 9.82 -3.51 -4.60
C GLY B 136 9.97 -2.85 -3.24
N ARG B 137 9.10 -1.89 -2.99
CA ARG B 137 9.18 -1.04 -1.81
C ARG B 137 7.83 -1.04 -1.12
N VAL B 138 7.85 -1.26 0.19
CA VAL B 138 6.64 -1.25 1.02
C VAL B 138 6.78 -0.12 2.03
N THR B 139 5.68 0.60 2.27
CA THR B 139 5.65 1.74 3.16
C THR B 139 4.44 1.65 4.08
N GLY B 140 4.58 2.18 5.28
CA GLY B 140 3.45 2.20 6.19
C GLY B 140 3.83 2.69 7.58
N TRP B 141 2.78 2.85 8.39
CA TRP B 141 2.89 3.33 9.76
C TRP B 141 2.61 2.21 10.76
N GLY B 142 2.63 0.98 10.31
CA GLY B 142 2.38 -0.15 11.19
C GLY B 142 3.53 -0.42 12.14
N ASN B 143 3.34 -1.47 12.93
CA ASN B 143 4.24 -1.74 14.04
C ASN B 143 5.65 -2.07 13.56
N LEU B 144 6.61 -1.71 14.41
CA LEU B 144 8.02 -1.94 14.13
C LEU B 144 8.48 -3.33 14.48
N LYS B 145 7.68 -4.11 15.21
CA LYS B 145 8.05 -5.46 15.61
C LYS B 145 6.76 -6.25 15.81
N GLU B 146 6.87 -7.57 15.70
CA GLU B 146 5.68 -8.40 15.81
C GLU B 146 5.07 -8.32 17.20
N THR B 147 5.91 -8.31 18.23
CA THR B 147 5.43 -8.44 19.60
C THR B 147 6.41 -7.77 20.54
N GLY B 155 7.81 0.22 19.68
CA GLY B 155 6.78 -0.55 19.01
C GLY B 155 6.14 0.11 17.80
N GLN B 156 5.90 1.42 17.86
CA GLN B 156 5.21 2.11 16.79
C GLN B 156 6.01 3.30 16.31
N PRO B 157 5.97 3.61 15.02
CA PRO B 157 6.89 4.63 14.51
C PRO B 157 6.41 6.07 14.65
N SER B 158 7.39 6.97 14.76
CA SER B 158 7.08 8.40 14.74
C SER B 158 6.64 8.86 13.35
N VAL B 159 7.30 8.35 12.30
CA VAL B 159 7.04 8.77 10.93
C VAL B 159 6.93 7.54 10.02
N LEU B 160 6.41 7.77 8.82
CA LEU B 160 6.28 6.73 7.81
C LEU B 160 7.57 5.95 7.62
N GLN B 161 7.45 4.63 7.56
CA GLN B 161 8.58 3.73 7.39
C GLN B 161 8.59 3.13 5.98
N VAL B 162 9.78 2.75 5.55
N VAL B 162 9.79 2.76 5.52
CA VAL B 162 10.03 2.23 4.20
CA VAL B 162 10.00 2.25 4.18
C VAL B 162 10.93 1.02 4.33
C VAL B 162 10.99 1.08 4.22
N VAL B 163 10.71 0.04 3.45
CA VAL B 163 11.62 -1.09 3.30
C VAL B 163 11.53 -1.62 1.88
N ASN B 164 12.68 -1.99 1.32
CA ASN B 164 12.75 -2.59 -0.01
C ASN B 164 12.92 -4.09 0.18
N LEU B 165 12.15 -4.88 -0.57
CA LEU B 165 12.11 -6.33 -0.39
C LEU B 165 12.05 -7.04 -1.73
N PRO B 166 12.75 -8.16 -1.88
CA PRO B 166 12.71 -8.90 -3.14
C PRO B 166 11.48 -9.79 -3.28
N ILE B 167 10.94 -9.85 -4.49
CA ILE B 167 9.93 -10.83 -4.83
C ILE B 167 10.54 -12.22 -4.75
N VAL B 168 9.76 -13.18 -4.27
CA VAL B 168 10.21 -14.55 -4.03
C VAL B 168 9.55 -15.50 -5.02
N GLU B 169 10.32 -16.52 -5.41
CA GLU B 169 9.85 -17.56 -6.30
C GLU B 169 8.58 -18.21 -5.76
N ARG B 170 7.62 -18.47 -6.64
N ARG B 170 7.62 -18.46 -6.65
CA ARG B 170 6.34 -18.98 -6.18
CA ARG B 170 6.33 -18.99 -6.20
C ARG B 170 6.45 -20.29 -5.41
C ARG B 170 6.44 -20.30 -5.42
N PRO B 171 7.28 -21.27 -5.80
CA PRO B 171 7.37 -22.50 -4.98
C PRO B 171 7.88 -22.24 -3.58
N VAL B 172 8.76 -21.26 -3.39
CA VAL B 172 9.24 -20.92 -2.05
C VAL B 172 8.12 -20.28 -1.25
N CYS B 173 7.35 -19.38 -1.86
CA CYS B 173 6.19 -18.82 -1.20
C CYS B 173 5.25 -19.93 -0.73
N LYS B 174 4.91 -20.84 -1.63
CA LYS B 174 3.96 -21.91 -1.30
C LYS B 174 4.51 -22.81 -0.20
N ASP B 175 5.79 -23.12 -0.24
CA ASP B 175 6.39 -24.04 0.72
C ASP B 175 6.64 -23.42 2.07
N SER B 176 6.39 -22.12 2.25
CA SER B 176 6.59 -21.43 3.51
C SER B 176 5.36 -21.45 4.40
N THR B 177 4.23 -21.94 3.91
CA THR B 177 2.96 -21.77 4.61
C THR B 177 2.07 -22.97 4.33
N ARG B 178 1.09 -23.15 5.22
CA ARG B 178 0.02 -24.11 4.99
C ARG B 178 -1.19 -23.51 4.30
N ILE B 179 -1.25 -22.17 4.17
CA ILE B 179 -2.35 -21.51 3.48
C ILE B 179 -2.26 -21.80 1.99
N ARG B 180 -3.42 -21.96 1.35
CA ARG B 180 -3.47 -22.12 -0.10
C ARG B 180 -3.20 -20.78 -0.80
N ILE B 181 -2.12 -20.73 -1.58
CA ILE B 181 -1.71 -19.52 -2.30
C ILE B 181 -2.37 -19.56 -3.68
N THR B 182 -2.78 -18.40 -4.17
CA THR B 182 -3.41 -18.32 -5.49
C THR B 182 -2.61 -17.40 -6.40
N ASP B 183 -2.98 -17.43 -7.68
CA ASP B 183 -2.37 -16.55 -8.69
C ASP B 183 -2.66 -15.07 -8.43
N ASN B 184 -3.60 -14.75 -7.55
CA ASN B 184 -3.91 -13.37 -7.19
C ASN B 184 -3.05 -12.84 -6.05
N MET B 185 -2.01 -13.60 -5.66
CA MET B 185 -1.10 -13.23 -4.60
C MET B 185 0.32 -13.41 -5.11
N PHE B 186 1.25 -12.62 -4.57
CA PHE B 186 2.66 -12.93 -4.67
C PHE B 186 3.29 -12.70 -3.29
N CYS B 187 4.49 -13.23 -3.08
CA CYS B 187 5.15 -13.00 -1.79
C CYS B 187 6.52 -12.35 -1.99
N ALA B 188 6.98 -11.67 -0.95
CA ALA B 188 8.24 -10.94 -0.99
C ALA B 188 8.87 -10.96 0.38
N GLY B 189 10.20 -10.83 0.40
CA GLY B 189 10.96 -10.85 1.62
C GLY B 189 12.27 -11.56 1.42
N TYR B 190 13.20 -11.39 2.34
CA TYR B 190 14.47 -12.08 2.25
C TYR B 190 14.37 -13.50 2.81
N LYS B 191 15.20 -14.37 2.28
CA LYS B 191 15.33 -15.73 2.80
C LYS B 191 16.25 -15.73 4.02
N PRO B 192 16.12 -16.73 4.89
CA PRO B 192 17.00 -16.77 6.07
C PRO B 192 18.47 -16.67 5.73
N ASP B 193 18.91 -17.28 4.62
CA ASP B 193 20.33 -17.28 4.27
C ASP B 193 20.79 -15.96 3.64
N GLU B 194 19.89 -15.02 3.39
CA GLU B 194 20.25 -13.77 2.73
C GLU B 194 20.70 -12.69 3.70
N GLY B 195 20.58 -12.90 5.01
CA GLY B 195 21.05 -11.95 5.98
C GLY B 195 20.13 -10.77 6.23
N LYS B 196 19.83 -10.02 5.18
CA LYS B 196 18.97 -8.86 5.31
C LYS B 196 17.57 -9.29 5.73
N ARG B 197 16.83 -8.33 6.28
CA ARG B 197 15.54 -8.63 6.88
C ARG B 197 14.54 -7.54 6.48
N GLY B 198 13.32 -7.65 6.99
CA GLY B 198 12.30 -6.64 6.71
C GLY B 198 10.97 -7.26 6.33
N ASP B 199 9.89 -6.59 6.73
CA ASP B 199 8.54 -7.08 6.44
C ASP B 199 7.56 -5.99 6.78
N ALA B 200 6.36 -6.12 6.23
CA ALA B 200 5.22 -5.38 6.74
C ALA B 200 4.78 -5.97 8.08
N CYS B 201 4.00 -5.20 8.82
CA CYS B 201 3.46 -5.68 10.10
C CYS B 201 2.10 -5.03 10.35
N GLU B 202 1.51 -5.34 11.52
CA GLU B 202 0.16 -4.87 11.83
C GLU B 202 0.07 -3.35 11.66
N GLY B 203 -0.92 -2.92 10.88
CA GLY B 203 -1.14 -1.53 10.55
C GLY B 203 -0.64 -1.13 9.18
N ASP B 204 0.23 -1.93 8.58
CA ASP B 204 0.70 -1.68 7.22
C ASP B 204 -0.24 -2.25 6.17
N SER B 205 -1.12 -3.19 6.55
CA SER B 205 -2.13 -3.77 5.68
C SER B 205 -2.78 -2.71 4.81
N GLY B 206 -3.01 -3.06 3.55
CA GLY B 206 -3.70 -2.19 2.62
C GLY B 206 -2.80 -1.20 1.92
N GLY B 207 -1.57 -1.02 2.40
CA GLY B 207 -0.63 -0.11 1.77
C GLY B 207 0.00 -0.72 0.54
N PRO B 208 0.81 0.09 -0.14
CA PRO B 208 1.32 -0.29 -1.46
C PRO B 208 2.69 -0.95 -1.44
N PHE B 209 2.87 -1.92 -2.36
CA PHE B 209 4.15 -2.46 -2.79
C PHE B 209 4.40 -1.88 -4.17
N VAL B 210 5.42 -1.03 -4.28
CA VAL B 210 5.69 -0.30 -5.51
C VAL B 210 7.04 -0.68 -6.10
N MET B 211 7.16 -0.49 -7.42
CA MET B 211 8.39 -0.70 -8.14
C MET B 211 8.59 0.47 -9.10
N LYS B 212 9.83 0.87 -9.30
CA LYS B 212 10.15 1.99 -10.20
C LYS B 212 10.56 1.40 -11.54
N SER B 213 9.74 1.61 -12.56
CA SER B 213 10.04 1.04 -13.85
C SER B 213 11.36 1.60 -14.38
N PRO B 214 12.30 0.75 -14.78
CA PRO B 214 13.53 1.24 -15.40
C PRO B 214 13.34 1.66 -16.85
N PHE B 215 12.16 1.37 -17.44
CA PHE B 215 11.85 1.73 -18.82
C PHE B 215 11.41 3.18 -18.92
N ASN B 216 10.57 3.65 -17.99
CA ASN B 216 10.03 5.00 -18.09
C ASN B 216 10.16 5.82 -16.80
N ASN B 217 10.86 5.27 -15.79
CA ASN B 217 11.20 5.98 -14.57
C ASN B 217 9.98 6.45 -13.77
N ARG B 218 8.88 5.69 -13.88
CA ARG B 218 7.67 5.95 -13.11
C ARG B 218 7.47 4.83 -12.09
N TRP B 219 6.86 5.20 -10.96
CA TRP B 219 6.48 4.23 -9.95
C TRP B 219 5.11 3.62 -10.21
N TYR B 220 5.07 2.28 -10.09
CA TYR B 220 3.90 1.46 -10.31
C TYR B 220 3.58 0.68 -9.04
N GLN B 221 2.29 0.58 -8.73
CA GLN B 221 1.85 -0.23 -7.60
C GLN B 221 1.57 -1.65 -8.08
N MET B 222 2.47 -2.56 -7.74
CA MET B 222 2.33 -3.95 -8.15
C MET B 222 1.57 -4.76 -7.13
N GLY B 223 1.60 -4.36 -5.86
CA GLY B 223 0.98 -5.16 -4.82
C GLY B 223 0.28 -4.30 -3.78
N ILE B 224 -0.57 -4.98 -3.00
CA ILE B 224 -1.20 -4.41 -1.80
C ILE B 224 -0.80 -5.31 -0.63
N VAL B 225 -0.34 -4.71 0.47
CA VAL B 225 -0.02 -5.49 1.66
C VAL B 225 -1.27 -6.24 2.10
N SER B 226 -1.21 -7.58 2.06
CA SER B 226 -2.39 -8.42 2.30
C SER B 226 -2.30 -9.24 3.58
N TRP B 227 -1.33 -10.13 3.73
CA TRP B 227 -1.27 -10.94 4.93
C TRP B 227 0.12 -11.52 5.14
N GLY B 228 0.37 -11.92 6.38
CA GLY B 228 1.56 -12.66 6.74
C GLY B 228 1.24 -13.49 7.97
N GLU B 229 2.19 -14.31 8.35
CA GLU B 229 2.11 -15.11 9.58
C GLU B 229 3.20 -14.57 10.48
N GLY B 230 2.81 -13.75 11.44
CA GLY B 230 3.78 -12.99 12.20
C GLY B 230 4.33 -11.84 11.36
N CYS B 231 5.44 -11.27 11.83
CA CYS B 231 6.13 -10.23 11.08
C CYS B 231 7.63 -10.51 11.12
N ASP B 232 8.26 -10.51 9.94
CA ASP B 232 9.72 -10.64 9.83
C ASP B 232 10.23 -11.93 10.47
N ARG B 233 9.45 -13.00 10.38
CA ARG B 233 9.93 -14.30 10.86
C ARG B 233 10.81 -14.97 9.81
N ASP B 234 11.89 -15.62 10.27
CA ASP B 234 12.73 -16.38 9.37
C ASP B 234 11.90 -17.48 8.70
N GLY B 235 12.02 -17.58 7.37
CA GLY B 235 11.33 -18.60 6.63
C GLY B 235 9.89 -18.28 6.28
N LYS B 236 9.38 -17.15 6.74
CA LYS B 236 8.06 -16.64 6.35
C LYS B 236 8.27 -15.46 5.42
N TYR B 237 7.22 -15.16 4.64
CA TYR B 237 7.22 -14.08 3.66
C TYR B 237 5.92 -13.30 3.79
N GLY B 238 5.97 -12.03 3.41
CA GLY B 238 4.75 -11.26 3.30
C GLY B 238 4.04 -11.56 2.00
N PHE B 239 2.72 -11.61 2.05
CA PHE B 239 1.87 -11.85 0.89
C PHE B 239 1.14 -10.57 0.49
N TYR B 240 1.08 -10.36 -0.82
CA TYR B 240 0.61 -9.15 -1.46
C TYR B 240 -0.42 -9.48 -2.53
N THR B 241 -1.48 -8.69 -2.57
CA THR B 241 -2.45 -8.78 -3.65
C THR B 241 -1.79 -8.39 -4.96
N HIS B 242 -2.00 -9.22 -5.99
CA HIS B 242 -1.44 -9.02 -7.34
C HIS B 242 -2.33 -8.02 -8.07
N VAL B 243 -1.90 -6.75 -8.06
CA VAL B 243 -2.75 -5.67 -8.56
C VAL B 243 -3.08 -5.87 -10.03
N PHE B 244 -2.07 -6.20 -10.84
CA PHE B 244 -2.35 -6.35 -12.26
C PHE B 244 -3.42 -7.42 -12.53
N ARG B 245 -3.36 -8.54 -11.81
CA ARG B 245 -4.32 -9.61 -12.06
C ARG B 245 -5.76 -9.17 -11.81
N LEU B 246 -5.95 -8.17 -10.96
CA LEU B 246 -7.28 -7.65 -10.59
C LEU B 246 -7.56 -6.31 -11.24
N LYS B 247 -6.75 -5.89 -12.21
CA LYS B 247 -6.93 -4.54 -12.76
C LYS B 247 -8.21 -4.40 -13.57
N LYS B 248 -8.68 -5.48 -14.20
CA LYS B 248 -9.93 -5.39 -14.96
C LYS B 248 -11.10 -5.04 -14.05
N TRP B 249 -11.08 -5.57 -12.83
CA TRP B 249 -12.09 -5.20 -11.84
C TRP B 249 -11.95 -3.72 -11.45
N ILE B 250 -10.72 -3.27 -11.19
CA ILE B 250 -10.49 -1.87 -10.85
C ILE B 250 -11.06 -0.98 -11.94
N GLN B 251 -10.72 -1.26 -13.19
CA GLN B 251 -11.17 -0.43 -14.30
C GLN B 251 -12.69 -0.48 -14.44
N LYS B 252 -13.29 -1.65 -14.23
CA LYS B 252 -14.75 -1.75 -14.32
C LYS B 252 -15.42 -0.85 -13.29
N VAL B 253 -14.91 -0.85 -12.06
CA VAL B 253 -15.50 0.00 -11.02
C VAL B 253 -15.34 1.47 -11.37
N ILE B 254 -14.13 1.88 -11.76
CA ILE B 254 -13.89 3.29 -12.05
C ILE B 254 -14.71 3.73 -13.26
N ASP B 255 -14.80 2.87 -14.29
CA ASP B 255 -15.57 3.25 -15.47
C ASP B 255 -17.05 3.40 -15.14
N GLN B 256 -17.58 2.55 -14.25
CA GLN B 256 -19.01 2.54 -13.99
C GLN B 256 -19.42 3.57 -12.95
N PHE B 257 -18.54 3.87 -12.00
CA PHE B 257 -18.91 4.70 -10.85
C PHE B 257 -18.14 6.00 -10.75
N GLY B 258 -17.13 6.22 -11.61
CA GLY B 258 -16.31 7.41 -11.54
C GLY B 258 -16.88 8.52 -12.39
N ASP C 2 -3.35 8.96 21.75
CA ASP C 2 -2.10 8.76 21.02
C ASP C 2 -2.00 9.66 19.78
N PHE C 3 -3.13 9.85 19.11
CA PHE C 3 -3.19 10.69 17.92
C PHE C 3 -3.60 12.10 18.31
N GLU C 4 -2.97 13.08 17.67
CA GLU C 4 -3.40 14.47 17.82
C GLU C 4 -4.81 14.63 17.25
N GLU C 5 -5.64 15.40 17.96
CA GLU C 5 -7.00 15.63 17.51
C GLU C 5 -6.98 16.27 16.13
N ILE C 6 -7.88 15.83 15.25
CA ILE C 6 -7.98 16.44 13.93
C ILE C 6 -9.05 17.52 13.99
N PRO C 7 -9.09 18.43 13.03
CA PRO C 7 -10.11 19.48 13.06
C PRO C 7 -11.53 18.93 13.04
N GLU C 8 -12.42 19.61 13.77
CA GLU C 8 -13.79 19.15 13.94
C GLU C 8 -14.53 19.07 12.61
N GLU C 9 -14.18 19.92 11.66
CA GLU C 9 -14.85 19.92 10.37
C GLU C 9 -14.82 18.56 9.68
N TYS C 10 -13.79 17.76 9.94
CA TYS C 10 -13.72 16.47 9.29
CB TYS C 10 -12.26 15.99 9.24
CG TYS C 10 -11.41 17.00 8.50
CD1 TYS C 10 -10.41 17.66 9.21
CD2 TYS C 10 -11.59 17.28 7.15
CE1 TYS C 10 -9.60 18.58 8.57
CE2 TYS C 10 -10.78 18.21 6.51
CZ TYS C 10 -9.78 18.87 7.22
OH TYS C 10 -8.96 19.80 6.64
S TYS C 10 -7.67 19.36 5.90
O1 TYS C 10 -7.12 20.63 5.47
O2 TYS C 10 -6.79 18.59 6.74
O3 TYS C 10 -8.13 18.50 4.61
C TYS C 10 -14.49 15.39 9.99
O TYS C 10 -14.61 14.27 9.47
H TYS C 10 -13.16 17.98 10.46
HA TYS C 10 -14.09 16.59 8.41
HB2 TYS C 10 -12.22 15.13 8.77
HB3 TYS C 10 -11.92 15.87 10.13
HD1 TYS C 10 -10.29 17.47 10.11
HD2 TYS C 10 -12.25 16.83 6.67
HE1 TYS C 10 -8.94 19.02 9.05
HE2 TYS C 10 -10.91 18.40 5.60
N LEU C 11 -15.05 15.69 11.17
CA LEU C 11 -15.83 14.69 11.89
C LEU C 11 -17.33 14.99 11.85
N GLN C 12 -17.69 16.09 11.22
CA GLN C 12 -19.10 16.50 11.18
C GLN C 12 -19.79 15.84 9.98
NA NA D . 2.59 -25.10 1.57
NA NA E . 10.78 -13.55 6.78
P PO4 F . -11.71 -18.92 -4.28
O1 PO4 F . -12.71 -17.81 -4.10
O2 PO4 F . -10.46 -18.40 -3.61
O3 PO4 F . -12.22 -20.16 -3.57
O4 PO4 F . -11.53 -19.15 -5.77
C1 NAG G . -21.26 -5.85 5.70
C2 NAG G . -22.08 -7.07 5.23
C3 NAG G . -23.14 -6.64 4.20
C4 NAG G . -23.96 -5.47 4.71
C5 NAG G . -23.02 -4.34 5.14
C6 NAG G . -23.75 -3.15 5.71
C7 NAG G . -20.92 -9.22 5.28
C8 NAG G . -20.02 -10.17 4.54
N2 NAG G . -21.22 -8.09 4.65
O3 NAG G . -23.99 -7.75 3.92
O4 NAG G . -24.83 -5.01 3.69
O5 NAG G . -22.15 -4.82 6.16
O6 NAG G . -24.60 -3.53 6.79
O7 NAG G . -21.33 -9.48 6.41
S DMS H . 5.77 -13.52 -8.99
O DMS H . 4.91 -14.37 -8.11
C1 DMS H . 7.40 -14.33 -9.07
C2 DMS H . 5.19 -13.84 -10.68
S DMS I . 7.86 -22.57 8.03
O DMS I . 6.48 -22.30 8.54
C1 DMS I . 8.61 -24.02 8.79
C2 DMS I . 7.90 -23.02 6.26
C4 D6Y J . -5.18 -14.45 7.31
C5 D6Y J . -5.95 -13.54 7.94
C6 D6Y J . -5.02 -12.62 8.43
N1 D6Y J . -7.33 -11.58 10.28
C7 D6Y J . -5.16 -11.37 9.29
C8 D6Y J . -6.56 -10.75 9.35
C9 D6Y J . -6.56 -9.23 9.58
C10 D6Y J . -7.17 -10.39 7.98
O1 D6Y J . -7.57 -9.11 8.54
N D6Y J . -3.80 -12.92 8.13
O D6Y J . -3.89 -14.12 7.39
C1 D6Y J . -5.47 -15.74 6.57
C3 D6Y J . -4.99 -16.94 7.40
C2 D6Y J . -4.71 -15.75 5.23
C D6Y J . -6.97 -15.87 6.31
#